data_6R5H
#
_entry.id   6R5H
#
_cell.length_a   97.422
_cell.length_b   112.058
_cell.length_c   91.212
_cell.angle_alpha   90.000
_cell.angle_beta   90.000
_cell.angle_gamma   90.000
#
_symmetry.space_group_name_H-M   'C 2 2 21'
#
loop_
_entity.id
_entity.type
_entity.pdbx_description
1 polymer Endopeptidase
2 branched 2-acetamido-2-deoxy-beta-D-glucopyranose-(1-4)-2-acetamido-2-deoxy-beta-D-glucopyranose
3 non-polymer 'TRIETHYLENE GLYCOL'
4 non-polymer DI(HYDROXYETHYL)ETHER
5 non-polymer 1,2-ETHANEDIOL
6 non-polymer 'SULFATE ION'
7 non-polymer 'SODIUM ION'
8 non-polymer 'ACETIC ACID'
9 non-polymer 'TETRAETHYLENE GLYCOL'
10 non-polymer 'PENTAETHYLENE GLYCOL'
11 water water
#
_entity_poly.entity_id   1
_entity_poly.type   'polypeptide(L)'
_entity_poly.pdbx_seq_one_letter_code
;ATGTVSLTDVGLDASYAGQVSIGTPAQDFLVIMDSGSSDLWVAGSTCTENFCKQTYTFDTSTSSSFITSSEAFNITYGSG
DADGTLGTDTVSMAGFTVSDQTFGVVTSTSANLISYPLSGLMGLAWKSIASSGATPFWQTLAASGDWDSPEMGVYLKRYR
GDNTASQIETDGGQILFGGLNTSLYNGSVNYISIDESEKDYWRIPLEAMVIQGNSVSIASSSGGSNPSCAIDTGTTLIGV
PSQTANRIYSQIAGAEALSASSGYEGYYQYPCDTEVTVSLQFGGMSYSISNADMNLGSFTRDTSMCTGAFFAMDMSSRSP
VQWIVGASFIKNVYTAFRYNPAAIGFAELV
;
_entity_poly.pdbx_strand_id   A
#
# COMPACT_ATOMS: atom_id res chain seq x y z
N ALA A 1 22.91 3.24 10.16
CA ALA A 1 21.87 4.08 10.88
C ALA A 1 20.47 3.51 10.75
N THR A 2 19.59 4.02 11.57
CA THR A 2 18.15 3.81 11.41
C THR A 2 17.40 5.13 11.46
N GLY A 3 16.19 5.14 10.92
CA GLY A 3 15.34 6.32 10.97
C GLY A 3 13.89 5.92 10.95
N THR A 4 13.08 6.69 11.65
CA THR A 4 11.67 6.35 11.79
C THR A 4 10.80 7.36 11.05
N VAL A 5 9.80 6.86 10.35
CA VAL A 5 8.71 7.70 9.82
C VAL A 5 7.44 7.43 10.60
N SER A 6 6.94 8.47 11.24
CA SER A 6 5.64 8.38 11.86
C SER A 6 4.53 8.43 10.77
N LEU A 7 3.54 7.54 10.87
CA LEU A 7 2.46 7.47 9.92
C LEU A 7 1.18 8.14 10.42
N THR A 8 0.54 8.90 9.54
CA THR A 8 -0.81 9.39 9.71
C THR A 8 -1.75 8.47 8.96
N ASP A 9 -2.78 8.00 9.65
CA ASP A 9 -3.82 7.15 9.08
C ASP A 9 -4.98 8.07 8.62
N VAL A 10 -5.20 8.08 7.32
CA VAL A 10 -6.21 8.89 6.67
C VAL A 10 -7.35 8.03 6.14
N GLY A 11 -8.57 8.53 6.34
CA GLY A 11 -9.75 7.92 5.73
C GLY A 11 -10.20 6.62 6.38
N LEU A 12 -9.90 6.43 7.65
CA LEU A 12 -10.29 5.22 8.38
C LEU A 12 -9.61 3.98 7.80
N ASP A 13 -8.27 4.04 7.82
CA ASP A 13 -7.43 2.94 7.34
C ASP A 13 -7.43 2.90 5.81
N ALA A 14 -7.71 4.03 5.16
CA ALA A 14 -7.66 4.07 3.70
C ALA A 14 -6.21 4.22 3.18
N SER A 15 -5.46 5.14 3.75
CA SER A 15 -4.11 5.48 3.34
C SER A 15 -3.27 5.76 4.58
N TYR A 16 -2.01 5.35 4.54
CA TYR A 16 -1.04 5.60 5.58
C TYR A 16 0.09 6.47 4.99
N ALA A 17 0.33 7.62 5.62
CA ALA A 17 1.19 8.63 5.02
C ALA A 17 2.30 9.09 5.97
N GLY A 18 3.44 9.47 5.43
CA GLY A 18 4.53 10.02 6.22
C GLY A 18 5.11 11.27 5.61
N GLN A 19 5.96 11.94 6.35
CA GLN A 19 6.51 13.17 5.90
C GLN A 19 7.74 12.96 4.99
N VAL A 20 7.69 13.61 3.82
CA VAL A 20 8.86 13.77 2.94
CA VAL A 20 8.85 13.79 2.93
C VAL A 20 9.22 15.26 2.88
N SER A 21 10.49 15.56 2.68
CA SER A 21 10.88 16.95 2.47
C SER A 21 11.66 17.06 1.21
N ILE A 22 11.32 18.05 0.38
CA ILE A 22 11.88 18.20 -0.92
C ILE A 22 12.41 19.63 -1.12
N GLY A 23 13.61 19.75 -1.67
CA GLY A 23 14.14 21.05 -2.06
C GLY A 23 14.97 21.77 -1.05
N THR A 24 15.48 22.91 -1.48
CA THR A 24 16.29 23.79 -0.62
C THR A 24 15.72 25.22 -0.73
N PRO A 25 15.26 25.82 0.38
CA PRO A 25 15.01 25.14 1.64
C PRO A 25 13.93 24.09 1.50
N ALA A 26 13.84 23.21 2.49
CA ALA A 26 12.89 22.11 2.47
C ALA A 26 11.43 22.55 2.41
N GLN A 27 10.69 21.88 1.53
CA GLN A 27 9.24 21.95 1.52
C GLN A 27 8.74 20.59 1.94
N ASP A 28 7.80 20.55 2.87
CA ASP A 28 7.37 19.32 3.55
C ASP A 28 5.99 18.91 3.05
N PHE A 29 5.82 17.60 2.89
CA PHE A 29 4.56 17.02 2.40
C PHE A 29 4.26 15.70 3.11
N LEU A 30 2.95 15.44 3.27
CA LEU A 30 2.45 14.18 3.73
CA LEU A 30 2.42 14.16 3.72
C LEU A 30 2.17 13.34 2.47
N VAL A 31 2.88 12.23 2.34
CA VAL A 31 2.74 11.38 1.17
C VAL A 31 2.40 9.93 1.56
N ILE A 32 1.54 9.30 0.76
CA ILE A 32 1.21 7.88 0.92
C ILE A 32 2.49 7.03 0.87
N MET A 33 2.67 6.16 1.88
CA MET A 33 3.80 5.25 1.92
C MET A 33 3.33 3.95 1.26
N ASP A 34 3.82 3.68 0.05
CA ASP A 34 3.24 2.67 -0.83
C ASP A 34 4.20 1.56 -1.24
N SER A 35 4.11 0.42 -0.54
CA SER A 35 4.91 -0.74 -0.87
C SER A 35 4.50 -1.46 -2.17
N GLY A 36 3.45 -0.99 -2.83
CA GLY A 36 3.04 -1.52 -4.15
C GLY A 36 3.45 -0.74 -5.38
N SER A 37 4.29 0.29 -5.19
CA SER A 37 4.82 1.06 -6.34
C SER A 37 6.17 1.65 -5.98
N SER A 38 6.79 2.29 -6.95
CA SER A 38 8.22 2.59 -6.78
C SER A 38 8.63 4.01 -7.18
N ASP A 39 7.68 4.86 -7.55
CA ASP A 39 7.96 6.27 -7.86
C ASP A 39 7.58 7.15 -6.71
N LEU A 40 8.39 8.19 -6.49
CA LEU A 40 8.01 9.33 -5.65
C LEU A 40 7.38 10.40 -6.56
N TRP A 41 6.27 10.98 -6.12
CA TRP A 41 5.73 12.17 -6.76
C TRP A 41 5.02 13.06 -5.76
N VAL A 42 4.94 14.34 -6.10
CA VAL A 42 4.25 15.37 -5.36
CA VAL A 42 4.17 15.33 -5.37
C VAL A 42 3.49 16.27 -6.36
N ALA A 43 2.32 16.74 -5.95
CA ALA A 43 1.54 17.74 -6.69
C ALA A 43 2.38 19.01 -6.75
N GLY A 44 2.57 19.51 -7.96
CA GLY A 44 3.29 20.76 -8.22
C GLY A 44 2.45 22.01 -8.03
N SER A 45 3.10 23.14 -7.73
CA SER A 45 2.35 24.36 -7.37
C SER A 45 1.63 24.97 -8.57
N THR A 46 2.01 24.58 -9.77
CA THR A 46 1.31 25.01 -10.99
C THR A 46 0.05 24.23 -11.29
N CYS A 47 -0.17 23.11 -10.59
CA CYS A 47 -1.34 22.26 -10.81
C CYS A 47 -2.65 23.03 -10.59
N THR A 48 -3.54 22.96 -11.57
CA THR A 48 -4.83 23.66 -11.47
C THR A 48 -6.00 22.76 -11.12
N GLU A 49 -5.74 21.48 -10.79
CA GLU A 49 -6.82 20.58 -10.31
C GLU A 49 -7.35 21.09 -8.99
N ASN A 50 -8.62 20.78 -8.71
CA ASN A 50 -9.24 21.28 -7.47
C ASN A 50 -8.51 20.80 -6.20
N PHE A 51 -8.04 19.57 -6.21
CA PHE A 51 -7.42 19.03 -4.99
C PHE A 51 -6.15 19.80 -4.69
N CYS A 52 -5.45 20.23 -5.74
CA CYS A 52 -4.19 21.00 -5.57
C CYS A 52 -4.41 22.35 -4.93
N LYS A 53 -5.58 22.94 -5.19
CA LYS A 53 -6.00 24.19 -4.54
C LYS A 53 -6.18 24.03 -3.04
N GLN A 54 -6.45 22.81 -2.57
CA GLN A 54 -6.81 22.58 -1.16
C GLN A 54 -5.77 21.78 -0.37
N THR A 55 -4.61 21.54 -0.97
CA THR A 55 -3.52 20.85 -0.24
C THR A 55 -2.19 21.54 -0.53
N TYR A 56 -1.14 21.12 0.17
CA TYR A 56 0.19 21.67 -0.02
C TYR A 56 0.80 21.12 -1.31
N THR A 57 1.45 22.00 -2.05
CA THR A 57 2.02 21.66 -3.33
C THR A 57 3.50 22.11 -3.36
N PHE A 58 4.26 21.47 -4.25
CA PHE A 58 5.70 21.69 -4.39
C PHE A 58 5.96 22.81 -5.39
N ASP A 59 6.55 23.90 -4.92
CA ASP A 59 6.89 25.05 -5.74
C ASP A 59 8.29 24.87 -6.26
N THR A 60 8.39 24.48 -7.52
CA THR A 60 9.68 24.18 -8.12
C THR A 60 10.57 25.43 -8.18
N SER A 61 9.97 26.61 -8.35
CA SER A 61 10.69 27.90 -8.49
C SER A 61 11.38 28.37 -7.24
N THR A 62 10.94 27.92 -6.06
CA THR A 62 11.55 28.34 -4.80
C THR A 62 12.52 27.32 -4.20
N SER A 63 12.85 26.29 -4.96
CA SER A 63 13.91 25.37 -4.58
C SER A 63 15.15 25.68 -5.39
N SER A 64 16.22 26.07 -4.70
CA SER A 64 17.47 26.42 -5.37
C SER A 64 18.23 25.20 -5.93
N SER A 65 17.88 23.99 -5.49
CA SER A 65 18.51 22.77 -5.93
C SER A 65 17.70 21.99 -6.98
N PHE A 66 16.54 22.51 -7.36
CA PHE A 66 15.68 21.83 -8.31
C PHE A 66 16.26 21.85 -9.72
N ILE A 67 16.31 20.69 -10.35
CA ILE A 67 16.75 20.53 -11.72
C ILE A 67 15.54 20.09 -12.52
N THR A 68 15.14 20.97 -13.41
CA THR A 68 13.97 20.74 -14.23
C THR A 68 14.20 19.73 -15.33
N SER A 69 13.10 19.17 -15.81
CA SER A 69 13.15 18.25 -16.94
C SER A 69 11.85 18.42 -17.73
N SER A 70 11.95 18.36 -19.04
CA SER A 70 10.75 18.29 -19.90
C SER A 70 10.21 16.85 -20.04
N GLU A 71 10.94 15.85 -19.56
CA GLU A 71 10.47 14.45 -19.69
C GLU A 71 9.13 14.20 -18.95
N ALA A 72 8.17 13.60 -19.66
CA ALA A 72 6.85 13.33 -19.13
C ALA A 72 6.95 12.27 -17.99
N PHE A 73 6.06 12.41 -17.01
CA PHE A 73 5.86 11.44 -15.95
C PHE A 73 4.40 11.02 -15.99
N ASN A 74 4.20 9.72 -15.97
CA ASN A 74 2.86 9.12 -16.07
C ASN A 74 2.89 7.83 -15.24
N ILE A 75 1.97 7.69 -14.29
CA ILE A 75 1.87 6.46 -13.49
C ILE A 75 0.39 6.09 -13.33
N THR A 76 0.10 4.79 -13.39
CA THR A 76 -1.28 4.28 -13.24
C THR A 76 -1.30 3.34 -12.04
N TYR A 77 -2.23 3.59 -11.14
CA TYR A 77 -2.53 2.73 -10.03
C TYR A 77 -3.91 2.09 -10.28
N GLY A 78 -4.26 1.05 -9.53
CA GLY A 78 -5.66 0.56 -9.52
C GLY A 78 -6.69 1.65 -9.21
N SER A 79 -6.33 2.63 -8.38
CA SER A 79 -7.29 3.68 -8.01
C SER A 79 -7.36 4.87 -8.98
N GLY A 80 -6.52 4.88 -10.05
CA GLY A 80 -6.42 6.02 -10.96
C GLY A 80 -4.98 6.31 -11.40
N ASP A 81 -4.74 7.51 -11.92
CA ASP A 81 -3.44 7.86 -12.48
C ASP A 81 -2.99 9.26 -12.10
N ALA A 82 -1.70 9.51 -12.29
CA ALA A 82 -1.10 10.82 -12.02
C ALA A 82 -0.10 11.10 -13.14
N ASP A 83 -0.09 12.37 -13.58
CA ASP A 83 0.70 12.79 -14.74
C ASP A 83 1.42 14.09 -14.42
N GLY A 84 2.55 14.30 -15.03
CA GLY A 84 3.22 15.60 -14.98
C GLY A 84 4.55 15.47 -15.68
N THR A 85 5.63 15.95 -15.04
CA THR A 85 6.97 15.83 -15.60
C THR A 85 7.93 15.40 -14.50
N LEU A 86 9.09 14.91 -14.88
CA LEU A 86 10.11 14.56 -13.93
C LEU A 86 10.85 15.79 -13.47
N GLY A 87 11.37 15.68 -12.25
CA GLY A 87 12.31 16.63 -11.70
C GLY A 87 13.33 15.91 -10.87
N THR A 88 14.38 16.65 -10.51
CA THR A 88 15.41 16.12 -9.64
C THR A 88 15.72 17.16 -8.58
N ASP A 89 15.84 16.69 -7.34
CA ASP A 89 16.11 17.57 -6.19
C ASP A 89 16.56 16.75 -4.99
N THR A 90 16.95 17.44 -3.93
CA THR A 90 17.32 16.81 -2.68
C THR A 90 16.05 16.42 -1.92
N VAL A 91 16.03 15.19 -1.43
CA VAL A 91 14.85 14.64 -0.78
C VAL A 91 15.32 14.05 0.53
N SER A 92 14.56 14.31 1.61
CA SER A 92 14.82 13.72 2.90
C SER A 92 13.56 13.06 3.49
N MET A 93 13.82 12.03 4.27
CA MET A 93 12.80 11.32 5.00
C MET A 93 13.50 10.49 6.07
N ALA A 94 12.90 10.47 7.27
CA ALA A 94 13.38 9.69 8.40
C ALA A 94 14.82 10.04 8.78
N GLY A 95 15.23 11.29 8.58
CA GLY A 95 16.60 11.71 8.89
C GLY A 95 17.65 11.35 7.86
N PHE A 96 17.24 10.72 6.75
CA PHE A 96 18.14 10.37 5.65
C PHE A 96 17.91 11.38 4.51
N THR A 97 18.91 11.52 3.62
CA THR A 97 18.82 12.33 2.42
C THR A 97 19.33 11.60 1.17
N VAL A 98 18.62 11.77 0.04
CA VAL A 98 19.15 11.49 -1.29
C VAL A 98 19.23 12.82 -2.02
N SER A 99 20.46 13.22 -2.34
CA SER A 99 20.78 14.55 -2.90
C SER A 99 20.23 14.85 -4.26
N ASP A 100 20.15 13.81 -5.09
CA ASP A 100 19.71 14.00 -6.47
CA ASP A 100 19.79 13.91 -6.49
C ASP A 100 18.68 12.92 -6.79
N GLN A 101 17.59 12.97 -6.03
CA GLN A 101 16.46 12.06 -6.23
C GLN A 101 15.62 12.56 -7.39
N THR A 102 15.38 11.70 -8.37
CA THR A 102 14.42 11.96 -9.44
C THR A 102 13.01 11.50 -8.99
N PHE A 103 12.02 12.33 -9.30
CA PHE A 103 10.64 12.13 -8.88
C PHE A 103 9.68 12.84 -9.84
N GLY A 104 8.39 12.55 -9.72
CA GLY A 104 7.36 13.21 -10.53
C GLY A 104 6.87 14.50 -9.89
N VAL A 105 6.81 15.56 -10.69
CA VAL A 105 6.07 16.77 -10.31
C VAL A 105 4.73 16.69 -11.03
N VAL A 106 3.68 16.38 -10.28
CA VAL A 106 2.37 16.06 -10.83
C VAL A 106 1.48 17.28 -10.96
N THR A 107 0.86 17.42 -12.15
CA THR A 107 -0.08 18.50 -12.39
C THR A 107 -1.45 18.05 -12.90
N SER A 108 -1.68 16.73 -13.03
CA SER A 108 -3.04 16.23 -13.19
C SER A 108 -3.16 14.84 -12.61
N THR A 109 -4.36 14.50 -12.16
CA THR A 109 -4.64 13.15 -11.70
C THR A 109 -6.07 12.79 -12.12
N SER A 110 -6.38 11.50 -12.02
CA SER A 110 -7.80 11.08 -12.09
C SER A 110 -8.52 11.61 -10.82
N ALA A 111 -9.83 11.71 -10.93
CA ALA A 111 -10.67 12.30 -9.91
C ALA A 111 -10.46 11.56 -8.61
N ASN A 112 -10.30 12.33 -7.54
CA ASN A 112 -10.26 11.79 -6.17
C ASN A 112 -9.09 10.85 -5.89
N LEU A 113 -7.99 10.92 -6.64
CA LEU A 113 -6.85 10.07 -6.33
C LEU A 113 -6.30 10.35 -4.93
N ILE A 114 -6.03 11.63 -4.64
CA ILE A 114 -5.63 12.08 -3.33
C ILE A 114 -6.30 13.42 -3.02
N SER A 115 -6.32 13.75 -1.73
CA SER A 115 -6.75 15.06 -1.28
C SER A 115 -6.11 15.36 0.04
N TYR A 116 -6.24 16.62 0.46
CA TYR A 116 -5.83 17.07 1.78
C TYR A 116 -6.11 15.99 2.84
N PRO A 117 -5.19 15.69 3.75
CA PRO A 117 -3.91 16.35 3.95
C PRO A 117 -2.73 15.80 3.10
N LEU A 118 -3.02 14.94 2.12
CA LEU A 118 -1.99 14.32 1.30
C LEU A 118 -1.58 15.24 0.14
N SER A 119 -0.32 15.08 -0.28
CA SER A 119 0.20 15.83 -1.42
C SER A 119 0.88 14.99 -2.48
N GLY A 120 0.96 13.70 -2.27
CA GLY A 120 1.70 12.80 -3.19
C GLY A 120 1.87 11.42 -2.57
N LEU A 121 2.88 10.71 -3.03
CA LEU A 121 3.04 9.28 -2.75
C LEU A 121 4.51 8.93 -2.87
N MET A 122 5.01 8.14 -1.90
CA MET A 122 6.35 7.59 -2.00
CA MET A 122 6.37 7.59 -1.94
C MET A 122 6.31 6.07 -2.16
N GLY A 123 6.81 5.62 -3.29
CA GLY A 123 6.89 4.20 -3.61
C GLY A 123 8.00 3.54 -2.82
N LEU A 124 7.67 2.39 -2.21
CA LEU A 124 8.61 1.66 -1.41
C LEU A 124 9.04 0.32 -2.04
N ALA A 125 8.62 0.06 -3.28
CA ALA A 125 9.00 -1.17 -3.98
C ALA A 125 10.23 -0.97 -4.86
N TRP A 126 10.55 -1.97 -5.69
CA TRP A 126 11.83 -2.06 -6.38
C TRP A 126 11.88 -1.22 -7.64
N LYS A 127 13.11 -0.84 -8.00
CA LYS A 127 13.39 0.00 -9.15
C LYS A 127 12.78 -0.49 -10.47
N SER A 128 12.65 -1.82 -10.67
CA SER A 128 12.22 -2.34 -11.96
CA SER A 128 12.22 -2.36 -11.95
C SER A 128 10.82 -1.93 -12.35
N ILE A 129 9.98 -1.52 -11.40
CA ILE A 129 8.62 -1.05 -11.71
C ILE A 129 8.45 0.49 -11.52
N ALA A 130 9.56 1.20 -11.33
CA ALA A 130 9.52 2.67 -11.30
C ALA A 130 9.28 3.18 -12.72
N SER A 131 8.15 3.84 -12.91
CA SER A 131 7.79 4.46 -14.18
C SER A 131 8.81 5.51 -14.63
N SER A 132 9.38 6.21 -13.67
CA SER A 132 10.36 7.26 -13.93
C SER A 132 11.72 6.71 -14.35
N GLY A 133 11.97 5.42 -14.15
CA GLY A 133 13.29 4.84 -14.30
C GLY A 133 14.26 5.17 -13.18
N ALA A 134 13.83 5.93 -12.16
CA ALA A 134 14.75 6.36 -11.11
C ALA A 134 14.85 5.30 -10.03
N THR A 135 16.02 5.17 -9.41
CA THR A 135 16.15 4.32 -8.24
C THR A 135 15.29 4.94 -7.12
N PRO A 136 14.42 4.13 -6.49
CA PRO A 136 13.64 4.65 -5.37
C PRO A 136 14.51 5.10 -4.21
N PHE A 137 14.06 6.16 -3.52
CA PHE A 137 14.72 6.66 -2.33
C PHE A 137 15.19 5.55 -1.39
N TRP A 138 14.26 4.68 -0.95
CA TRP A 138 14.57 3.63 0.05
C TRP A 138 15.68 2.70 -0.48
N GLN A 139 15.68 2.45 -1.77
CA GLN A 139 16.59 1.48 -2.39
C GLN A 139 17.99 2.01 -2.49
N THR A 140 18.13 3.30 -2.76
CA THR A 140 19.43 3.94 -2.66
C THR A 140 20.05 3.81 -1.27
N LEU A 141 19.24 4.05 -0.23
CA LEU A 141 19.71 3.98 1.14
C LEU A 141 20.16 2.56 1.47
N ALA A 142 19.29 1.61 1.16
CA ALA A 142 19.62 0.20 1.39
C ALA A 142 20.91 -0.26 0.69
N ALA A 143 21.05 0.09 -0.59
CA ALA A 143 22.19 -0.31 -1.41
C ALA A 143 23.50 0.36 -0.99
N SER A 144 23.41 1.52 -0.35
CA SER A 144 24.60 2.28 -0.01
CA SER A 144 24.56 2.32 0.05
C SER A 144 25.27 1.81 1.30
N GLY A 145 24.64 0.88 2.01
CA GLY A 145 25.15 0.45 3.31
C GLY A 145 24.87 1.46 4.41
N ASP A 146 23.91 2.36 4.20
CA ASP A 146 23.54 3.35 5.23
C ASP A 146 22.71 2.75 6.40
N TRP A 147 22.15 1.56 6.23
CA TRP A 147 21.25 1.00 7.22
C TRP A 147 21.93 -0.01 8.14
N ASP A 148 21.57 0.01 9.41
CA ASP A 148 22.10 -0.96 10.38
C ASP A 148 21.80 -2.40 9.91
N SER A 149 20.58 -2.60 9.44
CA SER A 149 20.14 -3.85 8.91
C SER A 149 19.36 -3.52 7.61
N PRO A 150 19.54 -4.30 6.54
CA PRO A 150 18.99 -3.95 5.20
C PRO A 150 17.48 -4.37 5.09
N GLU A 151 16.64 -3.69 5.84
CA GLU A 151 15.21 -3.95 5.90
C GLU A 151 14.44 -2.77 6.49
N MET A 152 13.15 -2.77 6.20
CA MET A 152 12.21 -1.76 6.67
C MET A 152 11.15 -2.50 7.47
N GLY A 153 10.80 -2.00 8.65
CA GLY A 153 9.76 -2.58 9.50
C GLY A 153 8.52 -1.73 9.47
N VAL A 154 7.35 -2.34 9.26
CA VAL A 154 6.09 -1.59 9.12
C VAL A 154 5.00 -1.97 10.12
N TYR A 155 4.47 -0.95 10.80
CA TYR A 155 3.32 -1.08 11.67
C TYR A 155 2.22 -0.11 11.19
N LEU A 156 1.06 -0.65 10.83
CA LEU A 156 -0.13 0.15 10.45
C LEU A 156 -1.16 0.00 11.57
N LYS A 157 -1.49 1.12 12.19
CA LYS A 157 -2.46 1.17 13.25
C LYS A 157 -3.88 1.11 12.70
N ARG A 158 -4.77 0.45 13.45
CA ARG A 158 -6.13 0.26 13.00
C ARG A 158 -7.09 1.21 13.69
N TYR A 159 -7.90 1.90 12.90
CA TYR A 159 -9.04 2.67 13.36
C TYR A 159 -10.37 2.15 12.81
N ARG A 160 -10.37 1.20 11.86
CA ARG A 160 -11.65 0.74 11.33
C ARG A 160 -12.28 -0.05 12.47
N GLY A 161 -13.58 0.17 12.67
CA GLY A 161 -14.26 -0.41 13.83
C GLY A 161 -14.34 0.48 15.06
N ASP A 162 -13.59 1.57 15.09
CA ASP A 162 -13.66 2.56 16.16
C ASP A 162 -14.70 3.62 15.74
N ASN A 163 -15.86 3.60 16.39
CA ASN A 163 -16.98 4.50 15.99
C ASN A 163 -16.74 6.01 16.30
N THR A 164 -15.78 6.32 17.17
CA THR A 164 -15.34 7.72 17.41
C THR A 164 -14.03 8.15 16.67
N ALA A 165 -13.58 7.37 15.68
CA ALA A 165 -12.31 7.68 14.98
C ALA A 165 -12.50 8.87 14.04
N SER A 166 -11.41 9.60 13.78
CA SER A 166 -11.42 10.75 12.87
C SER A 166 -10.87 10.36 11.48
N GLN A 167 -11.16 11.20 10.48
CA GLN A 167 -10.67 10.98 9.12
CA GLN A 167 -10.67 11.05 9.10
C GLN A 167 -9.14 11.25 9.01
N ILE A 168 -8.56 11.91 9.99
CA ILE A 168 -7.12 12.13 10.04
C ILE A 168 -6.67 11.69 11.44
N GLU A 169 -5.94 10.58 11.54
CA GLU A 169 -5.36 10.15 12.82
C GLU A 169 -3.84 10.18 12.70
N THR A 170 -3.23 11.15 13.37
CA THR A 170 -1.78 11.32 13.32
C THR A 170 -1.03 10.22 14.05
N ASP A 171 -1.69 9.55 14.99
CA ASP A 171 -1.20 8.33 15.62
C ASP A 171 -1.60 7.13 14.73
N GLY A 172 -0.89 6.95 13.62
CA GLY A 172 -1.32 6.02 12.55
C GLY A 172 -0.40 4.84 12.30
N GLY A 173 0.68 4.75 13.06
CA GLY A 173 1.69 3.70 12.88
C GLY A 173 3.10 4.22 12.63
N GLN A 174 3.94 3.36 12.12
CA GLN A 174 5.38 3.65 12.05
C GLN A 174 6.04 2.83 10.95
N ILE A 175 6.99 3.42 10.26
CA ILE A 175 7.94 2.65 9.41
C ILE A 175 9.33 2.90 9.95
N LEU A 176 10.05 1.82 10.25
CA LEU A 176 11.44 1.91 10.65
C LEU A 176 12.33 1.54 9.48
N PHE A 177 13.07 2.52 9.01
CA PHE A 177 14.08 2.31 7.98
C PHE A 177 15.38 1.83 8.58
N GLY A 178 15.81 0.62 8.18
CA GLY A 178 17.08 0.06 8.64
C GLY A 178 17.01 -0.86 9.84
N GLY A 179 15.83 -1.33 10.19
CA GLY A 179 15.68 -2.34 11.19
C GLY A 179 14.23 -2.64 11.45
N LEU A 180 14.00 -3.46 12.46
CA LEU A 180 12.66 -3.79 12.93
C LEU A 180 12.52 -3.28 14.35
N ASN A 181 11.32 -2.81 14.68
CA ASN A 181 11.05 -2.28 16.01
C ASN A 181 10.53 -3.38 16.94
N THR A 182 11.43 -3.86 17.80
CA THR A 182 11.12 -4.98 18.72
C THR A 182 10.05 -4.67 19.79
N SER A 183 9.79 -3.40 20.08
CA SER A 183 8.64 -3.05 20.93
C SER A 183 7.29 -3.29 20.25
N LEU A 184 7.27 -3.41 18.92
CA LEU A 184 5.99 -3.50 18.19
C LEU A 184 5.58 -4.90 17.78
N TYR A 185 6.49 -5.86 17.89
CA TYR A 185 6.17 -7.24 17.54
C TYR A 185 6.69 -8.16 18.64
N ASN A 186 6.20 -9.40 18.60
CA ASN A 186 6.47 -10.41 19.59
C ASN A 186 6.81 -11.71 18.87
N GLY A 187 7.77 -12.46 19.40
CA GLY A 187 8.16 -13.74 18.83
C GLY A 187 9.07 -13.52 17.63
N SER A 188 9.23 -14.57 16.82
CA SER A 188 10.22 -14.51 15.78
C SER A 188 9.54 -14.00 14.45
N VAL A 189 10.36 -13.50 13.55
CA VAL A 189 9.87 -13.05 12.25
C VAL A 189 9.92 -14.22 11.28
N ASN A 190 8.81 -14.48 10.60
CA ASN A 190 8.74 -15.56 9.61
C ASN A 190 9.01 -14.99 8.20
N TYR A 191 10.21 -15.23 7.67
CA TYR A 191 10.62 -14.65 6.40
C TYR A 191 10.28 -15.57 5.24
N ILE A 192 9.65 -14.99 4.22
CA ILE A 192 9.33 -15.68 2.98
C ILE A 192 10.31 -15.11 1.94
N SER A 193 11.19 -15.98 1.46
CA SER A 193 12.23 -15.57 0.52
CA SER A 193 12.24 -15.63 0.50
C SER A 193 11.66 -15.16 -0.85
N ILE A 194 12.26 -14.11 -1.43
CA ILE A 194 11.89 -13.58 -2.71
C ILE A 194 13.14 -13.76 -3.60
N ASP A 195 12.98 -14.37 -4.77
CA ASP A 195 14.14 -14.66 -5.62
C ASP A 195 14.41 -13.48 -6.56
N GLU A 196 15.55 -13.54 -7.26
CA GLU A 196 16.00 -12.41 -8.07
C GLU A 196 15.06 -12.04 -9.19
N SER A 197 14.24 -12.99 -9.65
CA SER A 197 13.21 -12.69 -10.67
C SER A 197 11.94 -11.98 -10.20
N GLU A 198 11.81 -11.81 -8.88
CA GLU A 198 10.60 -11.33 -8.24
C GLU A 198 10.78 -9.96 -7.58
N LYS A 199 11.92 -9.30 -7.79
CA LYS A 199 12.22 -7.98 -7.23
C LYS A 199 11.60 -6.90 -8.09
N ASP A 200 10.30 -6.69 -7.90
CA ASP A 200 9.54 -5.72 -8.71
C ASP A 200 8.57 -5.06 -7.77
N TYR A 201 7.37 -5.60 -7.67
CA TYR A 201 6.54 -5.40 -6.48
C TYR A 201 7.23 -6.07 -5.32
N TRP A 202 6.80 -5.74 -4.11
CA TRP A 202 7.04 -6.63 -2.97
C TRP A 202 5.94 -7.69 -2.98
N ARG A 203 6.29 -8.90 -3.40
CA ARG A 203 5.29 -9.94 -3.61
C ARG A 203 5.76 -11.32 -3.18
N ILE A 204 4.82 -12.11 -2.70
CA ILE A 204 5.05 -13.46 -2.23
C ILE A 204 3.87 -14.40 -2.60
N PRO A 205 4.11 -15.72 -2.63
CA PRO A 205 3.03 -16.63 -2.94
C PRO A 205 2.04 -16.84 -1.79
N LEU A 206 0.77 -16.89 -2.14
CA LEU A 206 -0.26 -17.32 -1.18
C LEU A 206 -0.30 -18.83 -1.21
N GLU A 207 -0.14 -19.45 -0.06
CA GLU A 207 -0.21 -20.92 0.03
C GLU A 207 -1.60 -21.47 0.20
N ALA A 208 -2.44 -20.75 0.94
CA ALA A 208 -3.83 -21.18 1.22
C ALA A 208 -4.60 -20.04 1.83
N MET A 209 -5.92 -20.15 1.77
CA MET A 209 -6.83 -19.25 2.48
CA MET A 209 -6.85 -19.24 2.42
C MET A 209 -7.97 -20.09 3.05
N VAL A 210 -8.38 -19.72 4.26
CA VAL A 210 -9.44 -20.41 5.01
C VAL A 210 -10.48 -19.35 5.42
N ILE A 211 -11.74 -19.58 5.02
CA ILE A 211 -12.80 -18.68 5.43
C ILE A 211 -13.99 -19.49 5.93
N GLN A 212 -14.44 -19.14 7.11
CA GLN A 212 -15.46 -19.88 7.85
C GLN A 212 -15.06 -21.35 8.00
N GLY A 213 -13.75 -21.61 8.08
CA GLY A 213 -13.22 -22.96 8.25
C GLY A 213 -12.99 -23.71 6.95
N ASN A 214 -13.38 -23.14 5.83
CA ASN A 214 -13.22 -23.78 4.53
C ASN A 214 -11.99 -23.28 3.81
N SER A 215 -11.16 -24.20 3.37
CA SER A 215 -10.00 -23.88 2.52
C SER A 215 -10.52 -23.58 1.11
N VAL A 216 -10.25 -22.40 0.60
CA VAL A 216 -10.78 -21.92 -0.68
C VAL A 216 -9.80 -22.25 -1.77
N SER A 217 -10.32 -22.65 -2.93
CA SER A 217 -9.47 -22.88 -4.04
C SER A 217 -8.91 -21.51 -4.52
N ILE A 218 -7.59 -21.36 -4.49
CA ILE A 218 -6.93 -20.10 -4.88
C ILE A 218 -6.25 -20.20 -6.24
N ALA A 219 -6.45 -21.33 -6.91
CA ALA A 219 -6.12 -21.47 -8.37
C ALA A 219 -6.84 -20.42 -9.21
N SER A 220 -6.17 -19.90 -10.24
CA SER A 220 -6.79 -18.89 -11.14
C SER A 220 -6.21 -19.04 -12.56
N SER A 221 -6.94 -18.54 -13.56
CA SER A 221 -6.48 -18.57 -14.99
C SER A 221 -5.14 -17.82 -15.16
N SER A 222 -5.07 -16.62 -14.59
CA SER A 222 -3.88 -15.80 -14.66
C SER A 222 -2.69 -16.35 -13.84
N GLY A 223 -2.97 -16.78 -12.61
CA GLY A 223 -1.93 -17.15 -11.66
C GLY A 223 -1.64 -18.59 -11.45
N GLY A 224 -2.34 -19.48 -12.17
CA GLY A 224 -2.11 -20.92 -12.02
C GLY A 224 -2.49 -21.44 -10.63
N SER A 225 -1.73 -22.42 -10.16
CA SER A 225 -2.01 -23.07 -8.88
CA SER A 225 -2.05 -23.05 -8.89
C SER A 225 -2.00 -22.07 -7.71
N ASN A 226 -0.98 -21.20 -7.68
CA ASN A 226 -0.89 -20.25 -6.53
C ASN A 226 -0.59 -18.81 -6.94
N PRO A 227 -1.37 -17.86 -6.44
CA PRO A 227 -1.17 -16.49 -6.87
C PRO A 227 0.04 -15.84 -6.22
N SER A 228 0.67 -14.95 -6.96
CA SER A 228 1.68 -14.05 -6.42
C SER A 228 0.94 -12.79 -5.91
N CYS A 229 1.20 -12.42 -4.67
CA CYS A 229 0.43 -11.39 -3.97
C CYS A 229 1.32 -10.18 -3.68
N ALA A 230 0.97 -9.02 -4.23
CA ALA A 230 1.58 -7.76 -3.79
C ALA A 230 1.17 -7.43 -2.37
N ILE A 231 2.17 -7.32 -1.50
CA ILE A 231 1.95 -6.87 -0.13
C ILE A 231 2.09 -5.37 -0.18
N ASP A 232 0.93 -4.71 -0.17
CA ASP A 232 0.76 -3.35 -0.70
C ASP A 232 0.19 -2.41 0.36
N THR A 233 1.07 -1.67 1.03
CA THR A 233 0.64 -0.69 2.01
C THR A 233 -0.16 0.46 1.40
N GLY A 234 -0.09 0.67 0.09
CA GLY A 234 -0.81 1.74 -0.59
C GLY A 234 -2.23 1.48 -1.07
N THR A 235 -2.77 0.29 -0.74
CA THR A 235 -4.16 -0.02 -1.04
CA THR A 235 -4.13 -0.07 -1.07
C THR A 235 -4.90 -0.39 0.24
N THR A 236 -6.20 -0.18 0.20
CA THR A 236 -7.03 -0.27 1.37
C THR A 236 -7.49 -1.71 1.64
N LEU A 237 -7.97 -2.37 0.60
CA LEU A 237 -8.64 -3.69 0.66
C LEU A 237 -7.76 -4.81 0.07
N ILE A 238 -8.38 -5.95 -0.22
CA ILE A 238 -7.67 -7.10 -0.77
C ILE A 238 -8.33 -7.42 -2.09
N GLY A 239 -7.62 -7.14 -3.19
CA GLY A 239 -8.14 -7.36 -4.52
C GLY A 239 -7.70 -8.72 -5.05
N VAL A 240 -8.65 -9.50 -5.55
CA VAL A 240 -8.37 -10.87 -6.00
C VAL A 240 -9.10 -11.11 -7.30
N PRO A 241 -8.74 -12.17 -8.05
CA PRO A 241 -9.44 -12.49 -9.31
C PRO A 241 -10.95 -12.73 -9.05
N SER A 242 -11.80 -12.35 -10.01
CA SER A 242 -13.26 -12.51 -9.89
C SER A 242 -13.68 -13.90 -9.45
N GLN A 243 -13.13 -14.89 -10.11
CA GLN A 243 -13.39 -16.31 -9.83
C GLN A 243 -13.11 -16.66 -8.36
N THR A 244 -12.00 -16.14 -7.86
CA THR A 244 -11.56 -16.35 -6.50
C THR A 244 -12.48 -15.64 -5.51
N ALA A 245 -12.87 -14.40 -5.84
CA ALA A 245 -13.81 -13.63 -5.00
C ALA A 245 -15.16 -14.36 -4.88
N ASN A 246 -15.66 -14.88 -6.00
CA ASN A 246 -16.89 -15.67 -5.97
C ASN A 246 -16.77 -16.83 -5.01
N ARG A 247 -15.66 -17.55 -5.09
CA ARG A 247 -15.38 -18.69 -4.22
C ARG A 247 -15.27 -18.34 -2.77
N ILE A 248 -14.62 -17.22 -2.48
CA ILE A 248 -14.52 -16.71 -1.09
C ILE A 248 -15.89 -16.48 -0.46
N TYR A 249 -16.70 -15.69 -1.15
CA TYR A 249 -18.00 -15.28 -0.63
C TYR A 249 -19.03 -16.42 -0.64
N SER A 250 -18.80 -17.45 -1.47
CA SER A 250 -19.59 -18.68 -1.38
C SER A 250 -19.48 -19.42 -0.06
N GLN A 251 -18.41 -19.20 0.70
CA GLN A 251 -18.23 -19.81 2.02
C GLN A 251 -18.93 -19.06 3.15
N ILE A 252 -19.53 -17.90 2.87
CA ILE A 252 -20.23 -17.11 3.90
C ILE A 252 -21.70 -17.25 3.63
N ALA A 253 -22.46 -17.85 4.57
CA ALA A 253 -23.90 -18.03 4.36
C ALA A 253 -24.55 -16.63 4.21
N GLY A 254 -25.34 -16.49 3.16
CA GLY A 254 -26.06 -15.25 2.89
C GLY A 254 -25.32 -14.23 2.06
N ALA A 255 -24.05 -14.47 1.71
CA ALA A 255 -23.29 -13.52 0.91
C ALA A 255 -23.80 -13.43 -0.54
N GLU A 256 -23.64 -12.25 -1.13
CA GLU A 256 -24.00 -12.02 -2.51
C GLU A 256 -23.12 -10.92 -3.10
N ALA A 257 -22.97 -10.96 -4.42
CA ALA A 257 -22.29 -9.92 -5.18
C ALA A 257 -23.16 -8.68 -5.16
N LEU A 258 -22.57 -7.51 -4.90
CA LEU A 258 -23.29 -6.25 -5.10
C LEU A 258 -23.48 -6.04 -6.60
N SER A 259 -24.68 -5.65 -6.99
CA SER A 259 -24.94 -5.35 -8.42
C SER A 259 -24.18 -4.14 -8.91
N ALA A 260 -23.87 -4.12 -10.20
CA ALA A 260 -23.28 -2.91 -10.80
C ALA A 260 -24.19 -1.66 -10.69
N SER A 261 -25.52 -1.86 -10.62
CA SER A 261 -26.54 -0.77 -10.35
C SER A 261 -26.28 -0.03 -9.06
N SER A 262 -25.76 -0.75 -8.06
CA SER A 262 -25.47 -0.13 -6.77
C SER A 262 -24.37 0.90 -6.90
N GLY A 263 -23.54 0.74 -7.93
CA GLY A 263 -22.30 1.49 -8.09
C GLY A 263 -21.09 0.72 -7.51
N TYR A 264 -21.29 -0.52 -7.04
CA TYR A 264 -20.23 -1.29 -6.37
C TYR A 264 -19.97 -2.66 -6.99
N GLU A 265 -19.94 -2.69 -8.32
CA GLU A 265 -19.48 -3.92 -8.98
C GLU A 265 -18.05 -4.28 -8.51
N GLY A 266 -17.85 -5.57 -8.27
CA GLY A 266 -16.60 -6.06 -7.69
C GLY A 266 -16.69 -6.28 -6.18
N TYR A 267 -17.65 -5.63 -5.49
CA TYR A 267 -17.84 -5.84 -4.07
C TYR A 267 -18.91 -6.88 -3.76
N TYR A 268 -18.81 -7.41 -2.56
CA TYR A 268 -19.71 -8.44 -2.06
C TYR A 268 -20.14 -8.06 -0.69
N GLN A 269 -21.39 -8.43 -0.35
CA GLN A 269 -21.91 -8.17 0.99
C GLN A 269 -22.51 -9.45 1.57
N TYR A 270 -22.64 -9.44 2.88
CA TYR A 270 -23.06 -10.62 3.64
C TYR A 270 -23.73 -10.16 4.95
N PRO A 271 -24.35 -11.11 5.72
CA PRO A 271 -25.07 -10.63 6.90
C PRO A 271 -24.17 -9.94 7.91
N CYS A 272 -24.51 -8.71 8.28
CA CYS A 272 -23.73 -7.92 9.22
C CYS A 272 -23.45 -8.57 10.56
N ASP A 273 -24.35 -9.42 11.04
CA ASP A 273 -24.13 -10.12 12.31
C ASP A 273 -23.34 -11.43 12.17
N THR A 274 -22.83 -11.73 10.97
CA THR A 274 -21.88 -12.82 10.81
C THR A 274 -20.46 -12.26 11.02
N GLU A 275 -19.82 -12.70 12.09
CA GLU A 275 -18.39 -12.51 12.28
C GLU A 275 -17.69 -13.54 11.39
N VAL A 276 -16.80 -13.06 10.54
CA VAL A 276 -16.18 -13.92 9.54
C VAL A 276 -14.82 -14.25 10.09
N THR A 277 -14.48 -15.54 10.11
CA THR A 277 -13.13 -15.97 10.53
CA THR A 277 -13.14 -15.95 10.50
C THR A 277 -12.39 -16.23 9.23
N VAL A 278 -11.23 -15.60 9.07
CA VAL A 278 -10.49 -15.69 7.81
C VAL A 278 -9.01 -15.55 8.05
N SER A 279 -8.26 -16.40 7.39
CA SER A 279 -6.80 -16.30 7.44
C SER A 279 -6.18 -16.60 6.09
N LEU A 280 -4.99 -16.03 5.90
CA LEU A 280 -4.16 -16.26 4.74
C LEU A 280 -2.88 -16.96 5.20
N GLN A 281 -2.50 -18.00 4.48
CA GLN A 281 -1.34 -18.78 4.77
C GLN A 281 -0.14 -18.32 3.93
N PHE A 282 0.85 -17.76 4.61
CA PHE A 282 2.11 -17.35 3.97
C PHE A 282 3.26 -18.00 4.72
N GLY A 283 4.21 -18.56 3.98
CA GLY A 283 5.41 -19.12 4.56
C GLY A 283 5.19 -20.15 5.65
N GLY A 284 4.20 -21.00 5.47
CA GLY A 284 3.90 -22.09 6.41
C GLY A 284 3.13 -21.70 7.65
N MET A 285 2.60 -20.46 7.70
CA MET A 285 1.84 -20.00 8.87
C MET A 285 0.57 -19.30 8.47
N SER A 286 -0.47 -19.46 9.30
CA SER A 286 -1.74 -18.81 9.08
C SER A 286 -1.73 -17.45 9.78
N TYR A 287 -2.20 -16.43 9.06
CA TYR A 287 -2.30 -15.04 9.54
C TYR A 287 -3.76 -14.61 9.47
N SER A 288 -4.36 -14.47 10.64
CA SER A 288 -5.74 -14.06 10.79
C SER A 288 -5.99 -12.60 10.45
N ILE A 289 -7.16 -12.35 9.86
CA ILE A 289 -7.67 -11.00 9.58
C ILE A 289 -8.82 -10.74 10.54
N SER A 290 -8.71 -9.71 11.38
CA SER A 290 -9.73 -9.42 12.37
C SER A 290 -11.04 -9.02 11.70
N ASN A 291 -12.14 -9.29 12.39
CA ASN A 291 -13.43 -8.89 11.90
C ASN A 291 -13.56 -7.37 11.69
N ALA A 292 -12.85 -6.58 12.48
CA ALA A 292 -12.88 -5.12 12.32
C ALA A 292 -12.28 -4.67 10.98
N ASP A 293 -11.35 -5.47 10.44
CA ASP A 293 -10.78 -5.21 9.10
C ASP A 293 -11.67 -5.74 7.99
N MET A 294 -12.26 -6.92 8.23
CA MET A 294 -13.06 -7.58 7.20
C MET A 294 -14.40 -6.88 6.90
N ASN A 295 -15.05 -6.37 7.94
CA ASN A 295 -16.39 -5.82 7.81
C ASN A 295 -16.31 -4.32 7.57
N LEU A 296 -16.65 -3.91 6.36
CA LEU A 296 -16.55 -2.51 5.99
C LEU A 296 -17.87 -1.76 6.25
N GLY A 297 -18.90 -2.41 6.78
CA GLY A 297 -20.18 -1.72 6.96
C GLY A 297 -21.08 -1.78 5.75
N SER A 298 -22.28 -1.25 5.93
CA SER A 298 -23.31 -1.26 4.87
C SER A 298 -23.01 -0.25 3.78
N PHE A 299 -23.05 -0.68 2.52
CA PHE A 299 -22.86 0.20 1.37
C PHE A 299 -24.20 0.64 0.76
N THR A 300 -25.30 -0.03 1.11
CA THR A 300 -26.62 0.29 0.57
C THR A 300 -27.55 0.61 1.75
N ARG A 301 -28.81 0.92 1.43
CA ARG A 301 -29.82 1.16 2.46
C ARG A 301 -30.20 -0.11 3.25
N ASP A 302 -29.94 -1.31 2.69
CA ASP A 302 -30.14 -2.55 3.43
C ASP A 302 -29.04 -2.69 4.51
N THR A 303 -29.45 -2.34 5.72
CA THR A 303 -28.56 -2.24 6.85
C THR A 303 -28.30 -3.60 7.55
N SER A 304 -28.94 -4.66 7.06
CA SER A 304 -28.65 -6.00 7.54
C SER A 304 -27.47 -6.65 6.82
N MET A 305 -26.99 -5.99 5.75
CA MET A 305 -25.90 -6.51 4.91
CA MET A 305 -25.91 -6.50 4.92
C MET A 305 -24.71 -5.55 4.95
N CYS A 306 -23.52 -6.14 4.98
CA CYS A 306 -22.26 -5.44 5.14
C CYS A 306 -21.27 -5.90 4.06
N THR A 307 -20.44 -4.99 3.55
CA THR A 307 -19.46 -5.31 2.53
C THR A 307 -18.16 -5.89 3.16
N GLY A 308 -17.60 -6.90 2.50
CA GLY A 308 -16.33 -7.53 2.89
C GLY A 308 -15.09 -6.87 2.26
N ALA A 309 -13.95 -7.08 2.91
CA ALA A 309 -12.68 -6.47 2.48
C ALA A 309 -12.04 -7.12 1.22
N PHE A 310 -12.47 -8.33 0.85
CA PHE A 310 -12.02 -8.99 -0.39
C PHE A 310 -12.94 -8.52 -1.52
N PHE A 311 -12.36 -8.05 -2.62
CA PHE A 311 -13.17 -7.63 -3.79
C PHE A 311 -12.54 -8.15 -5.07
N ALA A 312 -13.36 -8.23 -6.12
CA ALA A 312 -12.96 -8.72 -7.43
C ALA A 312 -12.24 -7.61 -8.18
N MET A 313 -11.02 -7.89 -8.59
CA MET A 313 -10.27 -6.97 -9.41
C MET A 313 -9.52 -7.84 -10.38
N ASP A 314 -10.05 -8.01 -11.57
CA ASP A 314 -9.31 -8.74 -12.59
C ASP A 314 -8.17 -7.83 -13.08
N MET A 315 -7.01 -8.42 -13.25
CA MET A 315 -5.81 -7.63 -13.57
CA MET A 315 -5.84 -7.64 -13.59
C MET A 315 -5.28 -8.04 -14.92
N SER A 316 -4.48 -7.13 -15.49
CA SER A 316 -3.78 -7.37 -16.72
C SER A 316 -3.13 -8.74 -16.64
N SER A 317 -3.29 -9.51 -17.70
CA SER A 317 -2.49 -10.73 -17.85
C SER A 317 -0.98 -10.38 -18.05
N ARG A 318 -0.64 -9.10 -18.19
CA ARG A 318 0.76 -8.66 -18.15
C ARG A 318 1.26 -8.41 -16.73
N SER A 319 0.39 -8.46 -15.73
CA SER A 319 0.80 -8.26 -14.33
C SER A 319 1.46 -9.53 -13.75
N PRO A 320 2.59 -9.43 -13.02
CA PRO A 320 3.11 -10.59 -12.29
C PRO A 320 2.38 -10.90 -10.99
N VAL A 321 1.41 -10.06 -10.59
CA VAL A 321 0.63 -10.31 -9.39
C VAL A 321 -0.82 -10.60 -9.74
N GLN A 322 -1.41 -11.53 -9.03
CA GLN A 322 -2.84 -11.83 -9.17
C GLN A 322 -3.65 -11.39 -7.96
N TRP A 323 -3.01 -11.08 -6.82
CA TRP A 323 -3.68 -10.51 -5.67
C TRP A 323 -2.97 -9.24 -5.27
N ILE A 324 -3.75 -8.26 -4.83
CA ILE A 324 -3.22 -7.06 -4.20
C ILE A 324 -3.69 -7.08 -2.74
N VAL A 325 -2.74 -7.27 -1.82
CA VAL A 325 -3.06 -7.51 -0.42
C VAL A 325 -2.74 -6.22 0.31
N GLY A 326 -3.79 -5.45 0.61
CA GLY A 326 -3.66 -4.14 1.22
C GLY A 326 -3.69 -4.09 2.74
N ALA A 327 -3.96 -2.87 3.22
CA ALA A 327 -3.96 -2.56 4.65
C ALA A 327 -4.92 -3.46 5.49
N SER A 328 -6.03 -3.86 4.90
CA SER A 328 -6.99 -4.76 5.56
C SER A 328 -6.29 -5.99 6.11
N PHE A 329 -5.29 -6.48 5.38
CA PHE A 329 -4.48 -7.62 5.86
C PHE A 329 -3.36 -7.14 6.76
N ILE A 330 -2.61 -6.14 6.25
CA ILE A 330 -1.34 -5.71 6.86
C ILE A 330 -1.47 -5.19 8.34
N LYS A 331 -2.62 -4.59 8.67
CA LYS A 331 -2.96 -4.16 10.03
C LYS A 331 -2.84 -5.28 11.08
N ASN A 332 -2.95 -6.54 10.62
CA ASN A 332 -2.92 -7.72 11.52
C ASN A 332 -1.54 -8.30 11.79
N VAL A 333 -0.50 -7.77 11.12
CA VAL A 333 0.87 -8.27 11.26
C VAL A 333 1.88 -7.12 11.34
N TYR A 334 3.00 -7.36 12.00
CA TYR A 334 4.18 -6.51 11.80
C TYR A 334 4.91 -7.05 10.58
N THR A 335 5.31 -6.16 9.67
CA THR A 335 5.82 -6.60 8.38
C THR A 335 7.22 -6.10 8.14
N ALA A 336 8.08 -6.99 7.71
CA ALA A 336 9.47 -6.65 7.36
C ALA A 336 9.62 -6.76 5.88
N PHE A 337 10.12 -5.72 5.25
CA PHE A 337 10.51 -5.76 3.83
C PHE A 337 12.02 -5.76 3.81
N ARG A 338 12.60 -6.91 3.47
CA ARG A 338 14.05 -7.13 3.55
C ARG A 338 14.68 -7.06 2.15
N TYR A 339 15.65 -6.16 2.04
CA TYR A 339 16.39 -5.91 0.82
C TYR A 339 17.35 -7.07 0.50
N ASN A 340 17.99 -7.62 1.52
CA ASN A 340 19.03 -8.61 1.31
C ASN A 340 19.25 -9.44 2.58
N PRO A 341 19.08 -10.77 2.51
CA PRO A 341 18.48 -11.48 1.35
C PRO A 341 17.01 -11.11 1.17
N ALA A 342 16.61 -10.90 -0.08
CA ALA A 342 15.29 -10.32 -0.40
C ALA A 342 14.21 -11.21 0.17
N ALA A 343 13.28 -10.60 0.91
CA ALA A 343 12.24 -11.36 1.59
C ALA A 343 11.20 -10.41 2.13
N ILE A 344 10.01 -10.95 2.37
CA ILE A 344 9.01 -10.32 3.21
C ILE A 344 8.87 -11.17 4.46
N GLY A 345 8.89 -10.51 5.62
CA GLY A 345 8.66 -11.18 6.89
C GLY A 345 7.42 -10.73 7.60
N PHE A 346 6.79 -11.64 8.34
CA PHE A 346 5.68 -11.31 9.21
C PHE A 346 5.92 -11.76 10.63
N ALA A 347 5.50 -10.92 11.57
CA ALA A 347 5.55 -11.24 13.00
C ALA A 347 4.23 -10.87 13.64
N GLU A 348 3.91 -11.54 14.73
CA GLU A 348 2.77 -11.20 15.58
C GLU A 348 3.01 -9.79 16.16
N LEU A 349 1.97 -8.97 16.16
CA LEU A 349 2.02 -7.66 16.81
C LEU A 349 2.07 -7.81 18.33
N VAL A 350 2.71 -6.87 18.99
CA VAL A 350 2.90 -6.92 20.46
C VAL A 350 1.58 -6.49 21.11
#